data_1NKF
#
_entry.id   1NKF
#
_cell.length_a   1.000
_cell.length_b   1.000
_cell.length_c   1.000
_cell.angle_alpha   90.00
_cell.angle_beta   90.00
_cell.angle_gamma   90.00
#
_symmetry.space_group_name_H-M   'P 1'
#
loop_
_entity.id
_entity.type
_entity.pdbx_description
1 polymer 'CALCIUM-BINDING HEXADECAPEPTIDE'
2 non-polymer 'LANTHANUM (III) ION'
#
_entity_poly.entity_id   1
_entity_poly.type   'polypeptide(L)'
_entity_poly.pdbx_seq_one_letter_code
;(ACE)DKDGDGYISAAEAAAQ(NH2)
;
_entity_poly.pdbx_strand_id   A
#
# COMPACT_ATOMS: atom_id res chain seq x y z
N ASP A 2 4.02 0.35 2.99
CA ASP A 2 3.24 1.16 2.01
C ASP A 2 4.02 1.25 0.69
N LYS A 3 3.37 1.05 -0.42
CA LYS A 3 4.07 1.12 -1.72
C LYS A 3 3.76 2.45 -2.41
N ASP A 4 3.23 3.40 -1.69
CA ASP A 4 2.91 4.71 -2.31
C ASP A 4 3.73 5.81 -1.63
N GLY A 5 4.42 5.47 -0.57
CA GLY A 5 5.24 6.50 0.13
C GLY A 5 4.30 7.54 0.77
N ASP A 6 3.14 7.12 1.17
CA ASP A 6 2.19 8.08 1.79
C ASP A 6 2.00 7.73 3.28
N GLY A 7 1.92 6.47 3.59
CA GLY A 7 1.75 6.06 5.00
C GLY A 7 0.49 5.20 5.15
N TYR A 8 -0.14 4.86 4.05
CA TYR A 8 -1.37 4.02 4.12
C TYR A 8 -1.32 2.96 3.02
N ILE A 9 -1.83 1.80 3.28
CA ILE A 9 -1.82 0.73 2.25
C ILE A 9 -3.26 0.45 1.81
N SER A 10 -3.52 0.50 0.53
CA SER A 10 -4.92 0.24 0.05
C SER A 10 -5.12 -1.27 -0.13
N ALA A 11 -6.30 -1.67 -0.51
CA ALA A 11 -6.58 -3.12 -0.71
C ALA A 11 -5.56 -3.70 -1.70
N ALA A 12 -5.73 -3.44 -2.97
CA ALA A 12 -4.78 -3.98 -3.98
C ALA A 12 -3.35 -3.60 -3.58
N GLU A 13 -3.21 -2.60 -2.76
CA GLU A 13 -1.84 -2.18 -2.33
C GLU A 13 -1.31 -3.18 -1.31
N ALA A 14 -2.00 -3.34 -0.21
CA ALA A 14 -1.55 -4.31 0.82
C ALA A 14 -1.14 -5.61 0.13
N ALA A 15 -1.88 -5.98 -0.88
CA ALA A 15 -1.55 -7.22 -1.62
C ALA A 15 -0.07 -7.18 -1.99
N ALA A 16 0.43 -6.01 -2.30
CA ALA A 16 1.87 -5.88 -2.66
C ALA A 16 2.67 -5.55 -1.40
N GLN A 17 2.02 -5.07 -0.37
CA GLN A 17 2.75 -4.74 0.89
C GLN A 17 2.62 -5.90 1.88
N ASP A 2 4.14 0.26 2.69
CA ASP A 2 3.27 1.09 1.82
C ASP A 2 3.92 1.24 0.44
N LYS A 3 3.14 1.12 -0.61
CA LYS A 3 3.71 1.24 -1.98
C LYS A 3 3.52 2.67 -2.49
N ASP A 4 2.64 3.43 -1.90
CA ASP A 4 2.42 4.83 -2.37
C ASP A 4 3.28 5.79 -1.53
N GLY A 5 3.84 5.31 -0.46
CA GLY A 5 4.68 6.19 0.39
C GLY A 5 3.81 7.21 1.12
N ASP A 6 2.55 6.91 1.30
CA ASP A 6 1.64 7.87 2.00
C ASP A 6 1.39 7.38 3.42
N GLY A 7 2.07 6.34 3.84
CA GLY A 7 1.86 5.81 5.21
C GLY A 7 0.55 5.02 5.27
N TYR A 8 -0.07 4.81 4.15
CA TYR A 8 -1.36 4.05 4.15
C TYR A 8 -1.34 3.00 3.04
N ILE A 9 -1.86 1.83 3.30
CA ILE A 9 -1.87 0.76 2.26
C ILE A 9 -3.32 0.46 1.87
N SER A 10 -3.64 0.54 0.61
CA SER A 10 -5.02 0.25 0.17
C SER A 10 -5.22 -1.26 0.01
N ALA A 11 -6.38 -1.68 -0.38
CA ALA A 11 -6.62 -3.15 -0.56
C ALA A 11 -5.70 -3.70 -1.65
N ALA A 12 -5.90 -3.28 -2.86
CA ALA A 12 -5.02 -3.76 -3.96
C ALA A 12 -3.56 -3.42 -3.63
N GLU A 13 -3.36 -2.52 -2.72
CA GLU A 13 -1.97 -2.13 -2.34
C GLU A 13 -1.40 -3.15 -1.34
N ALA A 14 -2.03 -3.30 -0.21
CA ALA A 14 -1.55 -4.28 0.80
C ALA A 14 -1.18 -5.57 0.09
N ALA A 15 -1.95 -5.95 -0.88
CA ALA A 15 -1.64 -7.20 -1.63
C ALA A 15 -0.17 -7.16 -2.03
N ALA A 16 0.31 -6.00 -2.38
CA ALA A 16 1.74 -5.88 -2.78
C ALA A 16 2.59 -5.54 -1.56
N GLN A 17 1.97 -4.99 -0.54
CA GLN A 17 2.74 -4.62 0.69
C GLN A 17 2.73 -5.79 1.66
N ASP A 2 4.18 0.19 2.43
CA ASP A 2 3.41 1.13 1.57
C ASP A 2 4.00 1.13 0.16
N LYS A 3 3.18 0.92 -0.84
CA LYS A 3 3.69 0.91 -2.23
C LYS A 3 3.98 2.34 -2.69
N ASP A 4 3.23 3.29 -2.21
CA ASP A 4 3.47 4.70 -2.63
C ASP A 4 4.36 5.39 -1.60
N GLY A 5 4.47 4.84 -0.42
CA GLY A 5 5.33 5.46 0.63
C GLY A 5 4.60 6.66 1.25
N ASP A 6 3.30 6.57 1.39
CA ASP A 6 2.54 7.70 1.99
C ASP A 6 2.25 7.39 3.46
N GLY A 7 2.21 6.13 3.81
CA GLY A 7 1.93 5.76 5.23
C GLY A 7 0.64 4.94 5.30
N TYR A 8 0.00 4.70 4.19
CA TYR A 8 -1.26 3.91 4.21
C TYR A 8 -1.25 2.91 3.05
N ILE A 9 -1.73 1.72 3.29
CA ILE A 9 -1.76 0.69 2.22
C ILE A 9 -3.22 0.42 1.81
N SER A 10 -3.51 0.49 0.54
CA SER A 10 -4.91 0.23 0.08
C SER A 10 -5.13 -1.27 -0.12
N ALA A 11 -6.29 -1.66 -0.58
CA ALA A 11 -6.55 -3.10 -0.81
C ALA A 11 -5.58 -3.64 -1.86
N ALA A 12 -5.77 -3.28 -3.10
CA ALA A 12 -4.84 -3.77 -4.16
C ALA A 12 -3.41 -3.44 -3.76
N GLU A 13 -3.25 -2.49 -2.88
CA GLU A 13 -1.88 -2.12 -2.42
C GLU A 13 -1.37 -3.18 -1.44
N ALA A 14 -2.05 -3.36 -0.35
CA ALA A 14 -1.61 -4.38 0.64
C ALA A 14 -1.35 -5.68 -0.09
N ALA A 15 -2.18 -6.01 -1.03
CA ALA A 15 -1.96 -7.26 -1.80
C ALA A 15 -0.51 -7.28 -2.27
N ALA A 16 0.01 -6.13 -2.58
CA ALA A 16 1.43 -6.04 -3.03
C ALA A 16 2.33 -5.78 -1.83
N GLN A 17 1.81 -5.10 -0.82
CA GLN A 17 2.63 -4.81 0.38
C GLN A 17 2.61 -6.02 1.31
N ASP A 2 4.27 0.23 2.37
CA ASP A 2 3.47 1.17 1.54
C ASP A 2 4.09 1.27 0.15
N LYS A 3 3.30 1.12 -0.89
CA LYS A 3 3.85 1.20 -2.27
C LYS A 3 4.16 2.66 -2.62
N ASP A 4 3.53 3.58 -1.94
CA ASP A 4 3.79 5.02 -2.25
C ASP A 4 4.58 5.65 -1.09
N GLY A 5 4.87 4.90 -0.07
CA GLY A 5 5.64 5.47 1.07
C GLY A 5 4.85 6.60 1.71
N ASP A 6 3.53 6.51 1.69
CA ASP A 6 2.70 7.58 2.30
C ASP A 6 2.35 7.19 3.73
N GLY A 7 2.36 5.92 4.04
CA GLY A 7 2.02 5.49 5.42
C GLY A 7 0.69 4.74 5.41
N TYR A 8 0.09 4.60 4.27
CA TYR A 8 -1.22 3.87 4.21
C TYR A 8 -1.21 2.89 3.05
N ILE A 9 -1.62 1.68 3.28
CA ILE A 9 -1.64 0.66 2.20
C ILE A 9 -3.11 0.39 1.79
N SER A 10 -3.42 0.49 0.53
CA SER A 10 -4.82 0.25 0.10
C SER A 10 -5.05 -1.26 -0.06
N ALA A 11 -6.22 -1.65 -0.49
CA ALA A 11 -6.51 -3.10 -0.66
C ALA A 11 -5.57 -3.69 -1.70
N ALA A 12 -5.72 -3.32 -2.95
CA ALA A 12 -4.81 -3.86 -4.00
C ALA A 12 -3.37 -3.49 -3.67
N GLU A 13 -3.18 -2.55 -2.79
CA GLU A 13 -1.81 -2.13 -2.41
C GLU A 13 -1.19 -3.20 -1.50
N ALA A 14 -1.80 -3.47 -0.38
CA ALA A 14 -1.26 -4.49 0.55
C ALA A 14 -0.88 -5.73 -0.24
N ALA A 15 -1.68 -6.06 -1.22
CA ALA A 15 -1.37 -7.25 -2.06
C ALA A 15 0.08 -7.15 -2.52
N ALA A 16 0.51 -5.96 -2.83
CA ALA A 16 1.91 -5.77 -3.29
C ALA A 16 2.79 -5.44 -2.08
N GLN A 17 2.21 -4.90 -1.05
CA GLN A 17 3.01 -4.56 0.16
C GLN A 17 3.14 -5.79 1.05
N ASP A 2 4.35 0.19 2.43
CA ASP A 2 3.49 1.07 1.57
C ASP A 2 4.08 1.14 0.16
N LYS A 3 3.26 0.97 -0.84
CA LYS A 3 3.77 1.01 -2.24
C LYS A 3 4.04 2.47 -2.65
N ASP A 4 3.27 3.39 -2.14
CA ASP A 4 3.48 4.83 -2.52
C ASP A 4 4.35 5.51 -1.45
N GLY A 5 4.56 4.85 -0.35
CA GLY A 5 5.38 5.47 0.73
C GLY A 5 4.64 6.68 1.31
N ASP A 6 3.37 6.55 1.53
CA ASP A 6 2.60 7.69 2.10
C ASP A 6 2.26 7.40 3.56
N GLY A 7 2.18 6.16 3.92
CA GLY A 7 1.86 5.81 5.34
C GLY A 7 0.56 4.99 5.38
N TYR A 8 -0.02 4.74 4.24
CA TYR A 8 -1.28 3.95 4.21
C TYR A 8 -1.24 2.94 3.06
N ILE A 9 -1.69 1.74 3.31
CA ILE A 9 -1.68 0.70 2.24
C ILE A 9 -3.13 0.40 1.84
N SER A 10 -3.45 0.54 0.58
CA SER A 10 -4.86 0.27 0.13
C SER A 10 -5.07 -1.25 -0.02
N ALA A 11 -6.22 -1.64 -0.46
CA ALA A 11 -6.48 -3.10 -0.64
C ALA A 11 -5.52 -3.67 -1.68
N ALA A 12 -5.72 -3.33 -2.93
CA ALA A 12 -4.81 -3.83 -3.99
C ALA A 12 -3.37 -3.49 -3.62
N GLU A 13 -3.19 -2.52 -2.76
CA GLU A 13 -1.82 -2.12 -2.35
C GLU A 13 -1.26 -3.18 -1.38
N ALA A 14 -1.91 -3.37 -0.28
CA ALA A 14 -1.43 -4.39 0.69
C ALA A 14 -1.14 -5.68 -0.07
N ALA A 15 -1.96 -5.99 -1.02
CA ALA A 15 -1.73 -7.22 -1.82
C ALA A 15 -0.28 -7.19 -2.31
N ALA A 16 0.19 -6.04 -2.66
CA ALA A 16 1.59 -5.91 -3.14
C ALA A 16 2.51 -5.61 -1.95
N GLN A 17 2.02 -4.90 -0.97
CA GLN A 17 2.86 -4.57 0.21
C GLN A 17 2.98 -5.80 1.10
N ASP A 2 4.11 0.18 2.62
CA ASP A 2 3.30 1.08 1.75
C ASP A 2 3.98 1.21 0.38
N LYS A 3 3.23 1.14 -0.68
CA LYS A 3 3.84 1.24 -2.03
C LYS A 3 3.92 2.71 -2.47
N ASP A 4 3.24 3.58 -1.77
CA ASP A 4 3.29 5.02 -2.16
C ASP A 4 4.11 5.82 -1.14
N GLY A 5 4.70 5.15 -0.19
CA GLY A 5 5.50 5.87 0.82
C GLY A 5 4.65 7.00 1.42
N ASP A 6 3.36 6.82 1.43
CA ASP A 6 2.48 7.88 2.01
C ASP A 6 2.18 7.56 3.47
N GLY A 7 2.14 6.29 3.81
CA GLY A 7 1.86 5.91 5.23
C GLY A 7 0.54 5.13 5.30
N TYR A 8 -0.02 4.79 4.17
CA TYR A 8 -1.29 4.03 4.19
C TYR A 8 -1.29 2.98 3.07
N ILE A 9 -1.78 1.81 3.33
CA ILE A 9 -1.81 0.75 2.28
C ILE A 9 -3.27 0.47 1.89
N SER A 10 -3.57 0.57 0.62
CA SER A 10 -4.98 0.31 0.18
C SER A 10 -5.22 -1.19 0.03
N ALA A 11 -6.42 -1.59 -0.27
CA ALA A 11 -6.70 -3.04 -0.43
C ALA A 11 -5.80 -3.60 -1.54
N ALA A 12 -6.01 -3.19 -2.75
CA ALA A 12 -5.16 -3.69 -3.87
C ALA A 12 -3.69 -3.38 -3.55
N GLU A 13 -3.46 -2.44 -2.67
CA GLU A 13 -2.06 -2.08 -2.31
C GLU A 13 -1.50 -3.13 -1.35
N ALA A 14 -2.14 -3.30 -0.22
CA ALA A 14 -1.65 -4.30 0.77
C ALA A 14 -1.34 -5.59 0.02
N ALA A 15 -2.18 -5.93 -0.92
CA ALA A 15 -1.92 -7.16 -1.71
C ALA A 15 -0.47 -7.13 -2.18
N ALA A 16 0.01 -5.96 -2.50
CA ALA A 16 1.42 -5.83 -2.96
C ALA A 16 2.32 -5.55 -1.75
N GLN A 17 1.74 -5.04 -0.69
CA GLN A 17 2.55 -4.75 0.53
C GLN A 17 2.53 -5.96 1.46
N ASP A 2 4.26 0.16 2.54
CA ASP A 2 3.48 1.05 1.63
C ASP A 2 4.14 1.09 0.26
N LYS A 3 3.37 0.95 -0.79
CA LYS A 3 3.96 0.97 -2.16
C LYS A 3 4.43 2.39 -2.50
N ASP A 4 3.74 3.38 -2.01
CA ASP A 4 4.14 4.78 -2.32
C ASP A 4 4.94 5.35 -1.14
N GLY A 5 4.95 4.66 -0.03
CA GLY A 5 5.70 5.17 1.15
C GLY A 5 4.96 6.36 1.75
N ASP A 6 3.65 6.34 1.71
CA ASP A 6 2.87 7.48 2.28
C ASP A 6 2.50 7.14 3.72
N GLY A 7 2.42 5.88 4.04
CA GLY A 7 2.06 5.50 5.44
C GLY A 7 0.73 4.73 5.44
N TYR A 8 0.11 4.59 4.30
CA TYR A 8 -1.18 3.86 4.26
C TYR A 8 -1.19 2.88 3.07
N ILE A 9 -1.62 1.67 3.31
CA ILE A 9 -1.68 0.65 2.22
C ILE A 9 -3.14 0.44 1.83
N SER A 10 -3.46 0.53 0.56
CA SER A 10 -4.86 0.32 0.14
C SER A 10 -5.15 -1.17 0.00
N ALA A 11 -6.29 -1.54 -0.52
CA ALA A 11 -6.63 -2.98 -0.67
C ALA A 11 -5.65 -3.62 -1.66
N ALA A 12 -5.82 -3.35 -2.92
CA ALA A 12 -4.90 -3.95 -3.94
C ALA A 12 -3.46 -3.56 -3.61
N GLU A 13 -3.28 -2.55 -2.80
CA GLU A 13 -1.89 -2.13 -2.45
C GLU A 13 -1.28 -3.15 -1.50
N ALA A 14 -1.91 -3.41 -0.39
CA ALA A 14 -1.38 -4.40 0.57
C ALA A 14 -1.02 -5.67 -0.19
N ALA A 15 -1.83 -6.04 -1.14
CA ALA A 15 -1.54 -7.26 -1.94
C ALA A 15 -0.10 -7.16 -2.44
N ALA A 16 0.32 -5.98 -2.78
CA ALA A 16 1.72 -5.79 -3.28
C ALA A 16 2.62 -5.46 -2.10
N GLN A 17 2.08 -4.87 -1.06
CA GLN A 17 2.91 -4.52 0.12
C GLN A 17 3.16 -5.76 0.96
N ASP A 2 4.14 0.24 2.69
CA ASP A 2 3.37 1.13 1.76
C ASP A 2 4.08 1.18 0.41
N LYS A 3 3.34 0.98 -0.65
CA LYS A 3 3.96 1.02 -2.01
C LYS A 3 4.14 2.47 -2.44
N ASP A 4 3.34 3.36 -1.93
CA ASP A 4 3.46 4.80 -2.32
C ASP A 4 4.34 5.52 -1.30
N GLY A 5 4.60 4.91 -0.18
CA GLY A 5 5.45 5.57 0.85
C GLY A 5 4.64 6.65 1.56
N ASP A 6 3.33 6.56 1.54
CA ASP A 6 2.50 7.57 2.23
C ASP A 6 2.15 7.09 3.63
N GLY A 7 2.45 5.86 3.94
CA GLY A 7 2.15 5.33 5.30
C GLY A 7 0.82 4.56 5.29
N TYR A 8 0.06 4.67 4.23
CA TYR A 8 -1.23 3.95 4.18
C TYR A 8 -1.24 2.93 3.03
N ILE A 9 -1.69 1.73 3.30
CA ILE A 9 -1.73 0.68 2.25
C ILE A 9 -3.18 0.44 1.84
N SER A 10 -3.48 0.52 0.57
CA SER A 10 -4.89 0.31 0.12
C SER A 10 -5.17 -1.19 -0.02
N ALA A 11 -6.32 -1.54 -0.53
CA ALA A 11 -6.66 -2.98 -0.70
C ALA A 11 -5.70 -3.62 -1.71
N ALA A 12 -5.83 -3.27 -2.96
CA ALA A 12 -4.92 -3.85 -3.99
C ALA A 12 -3.47 -3.51 -3.64
N GLU A 13 -3.28 -2.54 -2.76
CA GLU A 13 -1.90 -2.15 -2.37
C GLU A 13 -1.33 -3.18 -1.40
N ALA A 14 -1.99 -3.40 -0.29
CA ALA A 14 -1.49 -4.40 0.69
C ALA A 14 -1.18 -5.70 -0.03
N ALA A 15 -2.01 -6.07 -0.96
CA ALA A 15 -1.76 -7.32 -1.72
C ALA A 15 -0.30 -7.32 -2.16
N ALA A 16 0.21 -6.17 -2.46
CA ALA A 16 1.64 -6.06 -2.88
C ALA A 16 2.50 -5.77 -1.65
N GLN A 17 1.97 -5.03 -0.70
CA GLN A 17 2.74 -4.72 0.53
C GLN A 17 2.78 -5.94 1.43
N ASP A 2 4.21 0.21 2.54
CA ASP A 2 3.36 1.11 1.71
C ASP A 2 3.99 1.30 0.33
N LYS A 3 3.23 1.13 -0.71
CA LYS A 3 3.80 1.29 -2.08
C LYS A 3 3.93 2.78 -2.42
N ASP A 4 3.10 3.61 -1.82
CA ASP A 4 3.18 5.07 -2.12
C ASP A 4 4.06 5.76 -1.07
N GLY A 5 4.62 5.00 -0.16
CA GLY A 5 5.49 5.62 0.88
C GLY A 5 4.69 6.69 1.64
N ASP A 6 3.40 6.55 1.69
CA ASP A 6 2.57 7.56 2.40
C ASP A 6 2.25 7.06 3.81
N GLY A 7 2.39 5.78 4.05
CA GLY A 7 2.10 5.22 5.40
C GLY A 7 0.76 4.49 5.37
N TYR A 8 0.03 4.60 4.30
CA TYR A 8 -1.28 3.90 4.22
C TYR A 8 -1.26 2.89 3.06
N ILE A 9 -1.74 1.70 3.30
CA ILE A 9 -1.77 0.66 2.24
C ILE A 9 -3.23 0.42 1.84
N SER A 10 -3.56 0.55 0.59
CA SER A 10 -4.97 0.33 0.16
C SER A 10 -5.26 -1.16 0.06
N ALA A 11 -6.43 -1.52 -0.37
CA ALA A 11 -6.79 -2.97 -0.48
C ALA A 11 -5.86 -3.64 -1.50
N ALA A 12 -5.95 -3.24 -2.75
CA ALA A 12 -5.07 -3.85 -3.78
C ALA A 12 -3.61 -3.50 -3.49
N GLU A 13 -3.39 -2.48 -2.70
CA GLU A 13 -2.00 -2.09 -2.36
C GLU A 13 -1.38 -3.12 -1.44
N ALA A 14 -2.02 -3.38 -0.32
CA ALA A 14 -1.49 -4.39 0.63
C ALA A 14 -1.16 -5.66 -0.14
N ALA A 15 -2.01 -6.02 -1.06
CA ALA A 15 -1.75 -7.25 -1.86
C ALA A 15 -0.31 -7.20 -2.34
N ALA A 16 0.18 -6.03 -2.64
CA ALA A 16 1.58 -5.89 -3.12
C ALA A 16 2.49 -5.64 -1.91
N GLN A 17 2.03 -4.87 -0.97
CA GLN A 17 2.86 -4.57 0.24
C GLN A 17 2.98 -5.82 1.10
N ASP A 2 4.19 0.25 2.62
CA ASP A 2 3.43 1.15 1.70
C ASP A 2 4.12 1.18 0.33
N LYS A 3 3.36 1.06 -0.72
CA LYS A 3 3.97 1.08 -2.08
C LYS A 3 3.86 2.49 -2.68
N ASP A 4 3.06 3.33 -2.10
CA ASP A 4 2.91 4.71 -2.64
C ASP A 4 3.85 5.66 -1.88
N GLY A 5 3.93 5.50 -0.59
CA GLY A 5 4.82 6.39 0.22
C GLY A 5 3.96 7.30 1.09
N ASP A 6 2.74 6.91 1.38
CA ASP A 6 1.87 7.77 2.23
C ASP A 6 1.71 7.11 3.61
N GLY A 7 2.42 6.05 3.86
CA GLY A 7 2.31 5.40 5.20
C GLY A 7 0.98 4.62 5.28
N TYR A 8 0.22 4.62 4.23
CA TYR A 8 -1.08 3.89 4.27
C TYR A 8 -1.15 2.92 3.09
N ILE A 9 -1.58 1.71 3.35
CA ILE A 9 -1.68 0.70 2.26
C ILE A 9 -3.15 0.50 1.87
N SER A 10 -3.45 0.54 0.60
CA SER A 10 -4.86 0.34 0.16
C SER A 10 -5.15 -1.16 0.06
N ALA A 11 -6.28 -1.51 -0.50
CA ALA A 11 -6.62 -2.95 -0.63
C ALA A 11 -5.63 -3.63 -1.59
N ALA A 12 -5.75 -3.37 -2.86
CA ALA A 12 -4.82 -4.00 -3.84
C ALA A 12 -3.38 -3.63 -3.48
N GLU A 13 -3.21 -2.58 -2.72
CA GLU A 13 -1.83 -2.17 -2.33
C GLU A 13 -1.27 -3.19 -1.34
N ALA A 14 -1.95 -3.41 -0.26
CA ALA A 14 -1.47 -4.40 0.74
C ALA A 14 -1.12 -5.70 0.02
N ALA A 15 -1.93 -6.09 -0.92
CA ALA A 15 -1.63 -7.34 -1.67
C ALA A 15 -0.19 -7.26 -2.15
N ALA A 16 0.27 -6.08 -2.46
CA ALA A 16 1.67 -5.91 -2.94
C ALA A 16 2.57 -5.61 -1.74
N GLN A 17 2.02 -5.00 -0.72
CA GLN A 17 2.84 -4.67 0.48
C GLN A 17 2.91 -5.90 1.40
N ASP A 2 4.18 0.27 2.50
CA ASP A 2 3.51 1.18 1.51
C ASP A 2 4.12 0.97 0.13
N LYS A 3 3.31 0.90 -0.88
CA LYS A 3 3.85 0.70 -2.26
C LYS A 3 4.55 1.97 -2.73
N ASP A 4 3.84 3.07 -2.79
CA ASP A 4 4.47 4.34 -3.25
C ASP A 4 4.93 5.16 -2.04
N GLY A 5 4.47 4.79 -0.86
CA GLY A 5 4.88 5.56 0.35
C GLY A 5 4.04 6.83 0.47
N ASP A 6 2.74 6.70 0.44
CA ASP A 6 1.87 7.90 0.54
C ASP A 6 1.45 8.10 1.99
N GLY A 7 1.17 7.04 2.71
CA GLY A 7 0.76 7.18 4.13
C GLY A 7 0.12 5.87 4.62
N TYR A 8 -0.59 5.18 3.77
CA TYR A 8 -1.23 3.91 4.19
C TYR A 8 -1.22 2.91 3.03
N ILE A 9 -1.65 1.70 3.28
CA ILE A 9 -1.66 0.67 2.19
C ILE A 9 -3.12 0.39 1.79
N SER A 10 -3.43 0.48 0.52
CA SER A 10 -4.83 0.23 0.07
C SER A 10 -5.03 -1.28 -0.13
N ALA A 11 -6.20 -1.68 -0.55
CA ALA A 11 -6.46 -3.13 -0.78
C ALA A 11 -5.50 -3.66 -1.84
N ALA A 12 -5.73 -3.33 -3.08
CA ALA A 12 -4.82 -3.81 -4.16
C ALA A 12 -3.38 -3.48 -3.76
N GLU A 13 -3.21 -2.49 -2.92
CA GLU A 13 -1.85 -2.11 -2.47
C GLU A 13 -1.32 -3.18 -1.52
N ALA A 14 -2.01 -3.40 -0.44
CA ALA A 14 -1.56 -4.44 0.54
C ALA A 14 -1.26 -5.71 -0.23
N ALA A 15 -2.07 -6.02 -1.21
CA ALA A 15 -1.81 -7.25 -2.01
C ALA A 15 -0.33 -7.25 -2.37
N ALA A 16 0.22 -6.10 -2.62
CA ALA A 16 1.66 -6.00 -2.98
C ALA A 16 2.46 -5.79 -1.69
N GLN A 17 1.84 -5.20 -0.69
CA GLN A 17 2.57 -4.96 0.60
C GLN A 17 2.37 -6.16 1.52
N ASP A 2 4.30 0.18 2.37
CA ASP A 2 3.47 1.11 1.56
C ASP A 2 4.07 1.22 0.15
N LYS A 3 3.28 0.99 -0.86
CA LYS A 3 3.82 1.08 -2.25
C LYS A 3 3.43 2.43 -2.85
N ASP A 4 3.28 3.44 -2.04
CA ASP A 4 2.92 4.77 -2.57
C ASP A 4 3.74 5.85 -1.87
N GLY A 5 3.87 5.76 -0.57
CA GLY A 5 4.68 6.76 0.17
C GLY A 5 3.74 7.66 0.99
N ASP A 6 2.55 7.20 1.24
CA ASP A 6 1.59 8.03 2.03
C ASP A 6 1.52 7.50 3.47
N GLY A 7 2.05 6.32 3.69
CA GLY A 7 2.02 5.75 5.06
C GLY A 7 0.82 4.81 5.21
N TYR A 8 0.01 4.71 4.18
CA TYR A 8 -1.18 3.82 4.27
C TYR A 8 -1.20 2.85 3.08
N ILE A 9 -1.59 1.64 3.32
CA ILE A 9 -1.64 0.62 2.22
C ILE A 9 -3.12 0.38 1.85
N SER A 10 -3.47 0.56 0.61
CA SER A 10 -4.89 0.33 0.22
C SER A 10 -5.17 -1.17 0.13
N ALA A 11 -6.37 -1.54 -0.22
CA ALA A 11 -6.70 -2.99 -0.33
C ALA A 11 -5.82 -3.63 -1.41
N ALA A 12 -6.01 -3.23 -2.64
CA ALA A 12 -5.18 -3.82 -3.74
C ALA A 12 -3.71 -3.49 -3.50
N GLU A 13 -3.44 -2.47 -2.71
CA GLU A 13 -2.02 -2.10 -2.43
C GLU A 13 -1.40 -3.17 -1.54
N ALA A 14 -1.98 -3.41 -0.41
CA ALA A 14 -1.44 -4.45 0.52
C ALA A 14 -1.14 -5.71 -0.29
N ALA A 15 -1.97 -6.00 -1.25
CA ALA A 15 -1.73 -7.20 -2.09
C ALA A 15 -0.27 -7.19 -2.50
N ALA A 16 0.25 -6.04 -2.80
CA ALA A 16 1.67 -5.93 -3.22
C ALA A 16 2.54 -5.64 -1.98
N GLN A 17 1.97 -5.07 -0.97
CA GLN A 17 2.77 -4.77 0.25
C GLN A 17 2.76 -5.99 1.18
N ASP A 2 4.19 0.32 2.71
CA ASP A 2 3.42 1.17 1.76
C ASP A 2 4.10 1.16 0.40
N LYS A 3 3.33 1.06 -0.65
CA LYS A 3 3.93 1.04 -2.02
C LYS A 3 4.38 2.45 -2.41
N ASP A 4 3.71 3.45 -1.94
CA ASP A 4 4.09 4.84 -2.29
C ASP A 4 4.90 5.46 -1.14
N GLY A 5 4.75 4.93 0.04
CA GLY A 5 5.50 5.48 1.21
C GLY A 5 4.68 6.56 1.88
N ASP A 6 3.38 6.38 1.95
CA ASP A 6 2.52 7.40 2.60
C ASP A 6 2.03 6.86 3.95
N GLY A 7 2.52 5.73 4.36
CA GLY A 7 2.09 5.15 5.66
C GLY A 7 0.68 4.58 5.53
N TYR A 8 0.15 4.54 4.35
CA TYR A 8 -1.22 3.99 4.16
C TYR A 8 -1.22 2.96 3.04
N ILE A 9 -1.70 1.77 3.32
CA ILE A 9 -1.74 0.71 2.27
C ILE A 9 -3.20 0.45 1.88
N SER A 10 -3.52 0.54 0.62
CA SER A 10 -4.92 0.32 0.19
C SER A 10 -5.18 -1.19 0.05
N ALA A 11 -6.38 -1.56 -0.32
CA ALA A 11 -6.70 -3.00 -0.47
C ALA A 11 -5.77 -3.62 -1.52
N ALA A 12 -5.97 -3.31 -2.78
CA ALA A 12 -5.10 -3.88 -3.84
C ALA A 12 -3.64 -3.52 -3.54
N GLU A 13 -3.43 -2.51 -2.73
CA GLU A 13 -2.02 -2.11 -2.40
C GLU A 13 -1.42 -3.14 -1.43
N ALA A 14 -2.06 -3.35 -0.32
CA ALA A 14 -1.54 -4.34 0.67
C ALA A 14 -1.13 -5.59 -0.09
N ALA A 15 -1.90 -5.97 -1.06
CA ALA A 15 -1.55 -7.18 -1.85
C ALA A 15 -0.10 -7.04 -2.32
N ALA A 16 0.31 -5.85 -2.62
CA ALA A 16 1.72 -5.63 -3.07
C ALA A 16 2.59 -5.30 -1.86
N GLN A 17 2.00 -4.78 -0.81
CA GLN A 17 2.79 -4.46 0.40
C GLN A 17 3.00 -5.71 1.25
N ASP A 2 4.41 -0.02 2.26
CA ASP A 2 3.53 0.86 1.43
C ASP A 2 4.11 0.94 0.02
N LYS A 3 3.27 0.85 -0.97
CA LYS A 3 3.77 0.93 -2.38
C LYS A 3 3.64 2.37 -2.90
N ASP A 4 3.22 3.27 -2.06
CA ASP A 4 3.07 4.69 -2.49
C ASP A 4 3.97 5.59 -1.65
N GLY A 5 4.04 5.34 -0.37
CA GLY A 5 4.90 6.17 0.51
C GLY A 5 4.03 7.20 1.23
N ASP A 6 2.76 6.94 1.36
CA ASP A 6 1.86 7.90 2.06
C ASP A 6 1.62 7.43 3.50
N GLY A 7 2.12 6.27 3.85
CA GLY A 7 1.94 5.77 5.24
C GLY A 7 0.68 4.90 5.30
N TYR A 8 -0.01 4.74 4.21
CA TYR A 8 -1.25 3.90 4.23
C TYR A 8 -1.22 2.92 3.05
N ILE A 9 -1.63 1.70 3.29
CA ILE A 9 -1.65 0.68 2.21
C ILE A 9 -3.10 0.39 1.81
N SER A 10 -3.44 0.54 0.56
CA SER A 10 -4.85 0.27 0.14
C SER A 10 -5.06 -1.24 -0.02
N ALA A 11 -6.24 -1.64 -0.40
CA ALA A 11 -6.51 -3.10 -0.59
C ALA A 11 -5.56 -3.66 -1.64
N ALA A 12 -5.81 -3.39 -2.89
CA ALA A 12 -4.91 -3.91 -3.95
C ALA A 12 -3.47 -3.54 -3.59
N GLU A 13 -3.29 -2.54 -2.79
CA GLU A 13 -1.92 -2.13 -2.39
C GLU A 13 -1.38 -3.17 -1.41
N ALA A 14 -2.04 -3.35 -0.30
CA ALA A 14 -1.58 -4.35 0.69
C ALA A 14 -1.36 -5.67 -0.03
N ALA A 15 -2.26 -6.01 -0.92
CA ALA A 15 -2.08 -7.28 -1.68
C ALA A 15 -0.67 -7.29 -2.23
N ALA A 16 -0.17 -6.14 -2.58
CA ALA A 16 1.22 -6.06 -3.12
C ALA A 16 2.20 -5.80 -1.96
N GLN A 17 1.76 -5.06 -0.97
CA GLN A 17 2.66 -4.78 0.19
C GLN A 17 2.67 -5.98 1.13
N ASP A 2 4.11 0.38 2.81
CA ASP A 2 3.45 1.22 1.78
C ASP A 2 4.16 1.04 0.43
N LYS A 3 3.40 0.89 -0.62
CA LYS A 3 4.02 0.69 -1.96
C LYS A 3 4.72 1.98 -2.41
N ASP A 4 4.00 3.06 -2.49
CA ASP A 4 4.64 4.34 -2.93
C ASP A 4 5.05 5.16 -1.71
N GLY A 5 4.60 4.79 -0.54
CA GLY A 5 4.98 5.56 0.67
C GLY A 5 4.16 6.85 0.73
N ASP A 6 2.86 6.74 0.62
CA ASP A 6 2.00 7.95 0.68
C ASP A 6 1.50 8.16 2.10
N GLY A 7 1.09 7.11 2.75
CA GLY A 7 0.59 7.24 4.15
C GLY A 7 0.08 5.88 4.65
N TYR A 8 -0.65 5.17 3.84
CA TYR A 8 -1.17 3.85 4.27
C TYR A 8 -1.20 2.88 3.08
N ILE A 9 -1.66 1.67 3.31
CA ILE A 9 -1.73 0.67 2.20
C ILE A 9 -3.19 0.45 1.83
N SER A 10 -3.51 0.52 0.57
CA SER A 10 -4.93 0.31 0.15
C SER A 10 -5.21 -1.19 0.00
N ALA A 11 -6.39 -1.53 -0.45
CA ALA A 11 -6.73 -2.97 -0.62
C ALA A 11 -5.84 -3.57 -1.72
N ALA A 12 -5.98 -3.10 -2.93
CA ALA A 12 -5.14 -3.64 -4.04
C ALA A 12 -3.67 -3.33 -3.74
N GLU A 13 -3.42 -2.42 -2.84
CA GLU A 13 -2.02 -2.07 -2.48
C GLU A 13 -1.44 -3.15 -1.57
N ALA A 14 -2.06 -3.36 -0.44
CA ALA A 14 -1.56 -4.40 0.49
C ALA A 14 -1.19 -5.64 -0.30
N ALA A 15 -1.93 -5.91 -1.32
CA ALA A 15 -1.63 -7.09 -2.17
C ALA A 15 -0.14 -7.09 -2.49
N ALA A 16 0.40 -5.93 -2.73
CA ALA A 16 1.85 -5.82 -3.03
C ALA A 16 2.61 -5.59 -1.71
N GLN A 17 1.95 -5.09 -0.72
CA GLN A 17 2.62 -4.83 0.58
C GLN A 17 2.50 -6.07 1.48
N ASP A 2 4.29 0.13 2.34
CA ASP A 2 3.46 1.07 1.54
C ASP A 2 4.04 1.20 0.13
N LYS A 3 3.21 1.10 -0.88
CA LYS A 3 3.73 1.23 -2.27
C LYS A 3 4.03 2.69 -2.57
N ASP A 4 3.42 3.59 -1.86
CA ASP A 4 3.68 5.04 -2.10
C ASP A 4 4.44 5.63 -0.91
N GLY A 5 4.75 4.83 0.07
CA GLY A 5 5.48 5.36 1.25
C GLY A 5 4.71 6.53 1.84
N ASP A 6 3.40 6.49 1.77
CA ASP A 6 2.59 7.60 2.32
C ASP A 6 2.16 7.26 3.75
N GLY A 7 2.24 6.01 4.11
CA GLY A 7 1.84 5.61 5.49
C GLY A 7 0.52 4.85 5.44
N TYR A 8 -0.06 4.73 4.28
CA TYR A 8 -1.36 3.99 4.19
C TYR A 8 -1.29 2.96 3.05
N ILE A 9 -1.76 1.77 3.30
CA ILE A 9 -1.72 0.72 2.24
C ILE A 9 -3.16 0.38 1.83
N SER A 10 -3.48 0.57 0.59
CA SER A 10 -4.87 0.28 0.12
C SER A 10 -5.06 -1.24 -0.04
N ALA A 11 -6.25 -1.66 -0.33
CA ALA A 11 -6.50 -3.12 -0.50
C ALA A 11 -5.55 -3.68 -1.56
N ALA A 12 -5.78 -3.37 -2.81
CA ALA A 12 -4.88 -3.88 -3.88
C ALA A 12 -3.44 -3.54 -3.51
N GLU A 13 -3.25 -2.54 -2.70
CA GLU A 13 -1.87 -2.15 -2.29
C GLU A 13 -1.34 -3.21 -1.32
N ALA A 14 -2.01 -3.40 -0.23
CA ALA A 14 -1.56 -4.42 0.76
C ALA A 14 -1.22 -5.70 0.00
N ALA A 15 -2.01 -6.02 -0.98
CA ALA A 15 -1.73 -7.23 -1.78
C ALA A 15 -0.27 -7.19 -2.21
N ALA A 16 0.21 -6.02 -2.54
CA ALA A 16 1.63 -5.88 -2.97
C ALA A 16 2.49 -5.57 -1.73
N GLN A 17 1.89 -5.13 -0.66
CA GLN A 17 2.68 -4.81 0.56
C GLN A 17 2.62 -5.99 1.52
N ASP A 2 4.08 0.36 2.75
CA ASP A 2 3.47 1.22 1.69
C ASP A 2 4.16 0.93 0.36
N LYS A 3 3.40 0.92 -0.71
CA LYS A 3 4.01 0.66 -2.05
C LYS A 3 4.86 1.85 -2.47
N ASP A 4 4.31 3.03 -2.44
CA ASP A 4 5.10 4.23 -2.84
C ASP A 4 5.49 5.02 -1.59
N GLY A 5 4.63 5.06 -0.61
CA GLY A 5 4.96 5.81 0.64
C GLY A 5 4.04 7.04 0.74
N ASP A 6 2.75 6.84 0.62
CA ASP A 6 1.82 7.98 0.72
C ASP A 6 1.29 8.11 2.15
N GLY A 7 1.25 7.02 2.88
CA GLY A 7 0.77 7.09 4.28
C GLY A 7 0.21 5.73 4.71
N TYR A 8 -0.58 5.11 3.89
CA TYR A 8 -1.16 3.79 4.28
C TYR A 8 -1.18 2.84 3.08
N ILE A 9 -1.58 1.62 3.28
CA ILE A 9 -1.64 0.64 2.17
C ILE A 9 -3.10 0.38 1.78
N SER A 10 -3.41 0.50 0.51
CA SER A 10 -4.81 0.27 0.06
C SER A 10 -5.05 -1.22 -0.14
N ALA A 11 -6.22 -1.59 -0.59
CA ALA A 11 -6.53 -3.03 -0.81
C ALA A 11 -5.57 -3.59 -1.85
N ALA A 12 -5.73 -3.21 -3.09
CA ALA A 12 -4.82 -3.71 -4.15
C ALA A 12 -3.37 -3.41 -3.75
N GLU A 13 -3.18 -2.48 -2.87
CA GLU A 13 -1.81 -2.13 -2.42
C GLU A 13 -1.27 -3.23 -1.52
N ALA A 14 -1.96 -3.50 -0.44
CA ALA A 14 -1.51 -4.58 0.48
C ALA A 14 -1.11 -5.79 -0.34
N ALA A 15 -1.83 -6.05 -1.39
CA ALA A 15 -1.50 -7.20 -2.25
C ALA A 15 -0.01 -7.13 -2.57
N ALA A 16 0.48 -5.94 -2.77
CA ALA A 16 1.94 -5.78 -3.08
C ALA A 16 2.69 -5.58 -1.77
N GLN A 17 2.03 -5.11 -0.74
CA GLN A 17 2.70 -4.89 0.56
C GLN A 17 2.56 -6.15 1.43
N ASP A 2 4.25 0.11 2.44
CA ASP A 2 3.41 1.01 1.60
C ASP A 2 4.03 1.11 0.20
N LYS A 3 3.22 1.01 -0.82
CA LYS A 3 3.77 1.12 -2.21
C LYS A 3 4.23 2.55 -2.48
N ASP A 4 3.46 3.52 -2.06
CA ASP A 4 3.86 4.94 -2.30
C ASP A 4 4.61 5.47 -1.08
N GLY A 5 4.75 4.67 -0.05
CA GLY A 5 5.48 5.14 1.16
C GLY A 5 4.75 6.35 1.76
N ASP A 6 3.44 6.32 1.76
CA ASP A 6 2.67 7.46 2.33
C ASP A 6 2.23 7.11 3.75
N GLY A 7 2.37 5.87 4.14
CA GLY A 7 1.95 5.47 5.52
C GLY A 7 0.60 4.77 5.47
N TYR A 8 0.06 4.55 4.30
CA TYR A 8 -1.26 3.87 4.21
C TYR A 8 -1.26 2.87 3.05
N ILE A 9 -1.71 1.67 3.30
CA ILE A 9 -1.75 0.63 2.22
C ILE A 9 -3.21 0.36 1.86
N SER A 10 -3.57 0.56 0.62
CA SER A 10 -4.99 0.31 0.22
C SER A 10 -5.25 -1.20 0.10
N ALA A 11 -6.48 -1.59 -0.06
CA ALA A 11 -6.80 -3.04 -0.19
C ALA A 11 -6.01 -3.63 -1.36
N ALA A 12 -6.18 -3.08 -2.54
CA ALA A 12 -5.44 -3.61 -3.71
C ALA A 12 -3.96 -3.28 -3.56
N GLU A 13 -3.63 -2.41 -2.65
CA GLU A 13 -2.20 -2.04 -2.44
C GLU A 13 -1.52 -3.10 -1.58
N ALA A 14 -2.06 -3.39 -0.43
CA ALA A 14 -1.46 -4.43 0.45
C ALA A 14 -1.14 -5.64 -0.40
N ALA A 15 -2.02 -5.99 -1.30
CA ALA A 15 -1.76 -7.15 -2.18
C ALA A 15 -0.36 -7.02 -2.76
N ALA A 16 0.03 -5.81 -3.06
CA ALA A 16 1.39 -5.58 -3.62
C ALA A 16 2.36 -5.30 -2.47
N GLN A 17 1.85 -4.78 -1.38
CA GLN A 17 2.75 -4.48 -0.22
C GLN A 17 3.03 -5.76 0.55
N ASP A 2 4.09 0.31 2.78
CA ASP A 2 3.39 1.15 1.77
C ASP A 2 4.08 1.02 0.41
N LYS A 3 3.31 0.85 -0.63
CA LYS A 3 3.91 0.69 -1.99
C LYS A 3 4.34 2.07 -2.52
N ASP A 4 3.90 3.13 -1.90
CA ASP A 4 4.29 4.48 -2.39
C ASP A 4 5.09 5.21 -1.30
N GLY A 5 4.68 5.08 -0.07
CA GLY A 5 5.41 5.78 1.04
C GLY A 5 4.51 6.87 1.63
N ASP A 6 3.32 6.51 2.02
CA ASP A 6 2.40 7.53 2.61
C ASP A 6 1.88 7.04 3.96
N GLY A 7 2.35 5.89 4.40
CA GLY A 7 1.88 5.35 5.71
C GLY A 7 0.47 4.79 5.57
N TYR A 8 0.05 4.51 4.36
CA TYR A 8 -1.32 3.96 4.16
C TYR A 8 -1.29 2.93 3.03
N ILE A 9 -1.76 1.74 3.29
CA ILE A 9 -1.77 0.68 2.25
C ILE A 9 -3.22 0.41 1.83
N SER A 10 -3.51 0.52 0.57
CA SER A 10 -4.91 0.27 0.10
C SER A 10 -5.12 -1.24 -0.10
N ALA A 11 -6.33 -1.67 -0.29
CA ALA A 11 -6.59 -3.12 -0.50
C ALA A 11 -5.68 -3.64 -1.61
N ALA A 12 -5.92 -3.23 -2.83
CA ALA A 12 -5.06 -3.69 -3.95
C ALA A 12 -3.60 -3.40 -3.62
N GLU A 13 -3.37 -2.47 -2.72
CA GLU A 13 -1.97 -2.12 -2.33
C GLU A 13 -1.44 -3.18 -1.37
N ALA A 14 -2.08 -3.34 -0.25
CA ALA A 14 -1.63 -4.35 0.73
C ALA A 14 -1.36 -5.65 -0.02
N ALA A 15 -2.16 -5.95 -0.99
CA ALA A 15 -1.95 -7.19 -1.78
C ALA A 15 -0.47 -7.26 -2.15
N ALA A 16 0.10 -6.12 -2.44
CA ALA A 16 1.54 -6.09 -2.81
C ALA A 16 2.37 -5.86 -1.55
N GLN A 17 1.85 -5.12 -0.60
CA GLN A 17 2.62 -4.86 0.65
C GLN A 17 2.56 -6.10 1.53
N ASP A 2 4.19 0.25 2.48
CA ASP A 2 3.54 1.14 1.48
C ASP A 2 4.13 0.87 0.10
N LYS A 3 3.30 0.77 -0.91
CA LYS A 3 3.82 0.53 -2.29
C LYS A 3 4.64 1.72 -2.75
N ASP A 4 4.05 2.89 -2.76
CA ASP A 4 4.79 4.10 -3.21
C ASP A 4 5.26 4.90 -1.99
N GLY A 5 4.65 4.68 -0.86
CA GLY A 5 5.05 5.43 0.37
C GLY A 5 4.22 6.71 0.48
N ASP A 6 2.93 6.60 0.46
CA ASP A 6 2.06 7.81 0.55
C ASP A 6 1.57 7.97 1.99
N GLY A 7 1.41 6.88 2.71
CA GLY A 7 0.93 6.97 4.11
C GLY A 7 0.41 5.61 4.57
N TYR A 8 -0.55 5.07 3.88
CA TYR A 8 -1.11 3.74 4.28
C TYR A 8 -1.14 2.81 3.06
N ILE A 9 -1.53 1.58 3.27
CA ILE A 9 -1.60 0.61 2.14
C ILE A 9 -3.06 0.39 1.74
N SER A 10 -3.36 0.48 0.48
CA SER A 10 -4.77 0.28 0.02
C SER A 10 -5.04 -1.22 -0.20
N ALA A 11 -6.18 -1.54 -0.74
CA ALA A 11 -6.52 -2.97 -0.97
C ALA A 11 -5.52 -3.57 -1.98
N ALA A 12 -5.67 -3.23 -3.23
CA ALA A 12 -4.73 -3.77 -4.26
C ALA A 12 -3.29 -3.46 -3.84
N GLU A 13 -3.11 -2.50 -2.97
CA GLU A 13 -1.74 -2.14 -2.51
C GLU A 13 -1.22 -3.26 -1.60
N ALA A 14 -1.92 -3.53 -0.53
CA ALA A 14 -1.50 -4.61 0.40
C ALA A 14 -1.15 -5.84 -0.41
N ALA A 15 -1.90 -6.09 -1.46
CA ALA A 15 -1.63 -7.28 -2.30
C ALA A 15 -0.12 -7.32 -2.57
N ALA A 16 0.47 -6.17 -2.77
CA ALA A 16 1.93 -6.12 -3.03
C ALA A 16 2.67 -5.92 -1.71
N GLN A 17 2.04 -5.24 -0.78
CA GLN A 17 2.70 -4.99 0.53
C GLN A 17 2.49 -6.21 1.44
N ASP A 2 4.13 0.31 2.54
CA ASP A 2 3.52 1.20 1.52
C ASP A 2 4.18 0.95 0.17
N LYS A 3 3.40 0.92 -0.89
CA LYS A 3 4.00 0.68 -2.24
C LYS A 3 4.65 1.96 -2.76
N ASP A 4 4.10 3.09 -2.44
CA ASP A 4 4.71 4.37 -2.93
C ASP A 4 5.19 5.20 -1.74
N GLY A 5 4.68 4.93 -0.57
CA GLY A 5 5.11 5.71 0.62
C GLY A 5 4.24 6.96 0.76
N ASP A 6 2.95 6.82 0.68
CA ASP A 6 2.05 7.99 0.79
C ASP A 6 1.60 8.13 2.24
N GLY A 7 1.26 7.04 2.88
CA GLY A 7 0.81 7.12 4.29
C GLY A 7 0.23 5.77 4.74
N TYR A 8 -0.50 5.11 3.87
CA TYR A 8 -1.10 3.79 4.27
C TYR A 8 -1.12 2.85 3.06
N ILE A 9 -1.49 1.61 3.29
CA ILE A 9 -1.56 0.62 2.19
C ILE A 9 -3.03 0.39 1.81
N SER A 10 -3.34 0.52 0.55
CA SER A 10 -4.75 0.29 0.12
C SER A 10 -5.00 -1.21 -0.05
N ALA A 11 -6.17 -1.59 -0.49
CA ALA A 11 -6.45 -3.04 -0.67
C ALA A 11 -5.53 -3.59 -1.75
N ALA A 12 -5.74 -3.21 -2.98
CA ALA A 12 -4.86 -3.73 -4.07
C ALA A 12 -3.40 -3.43 -3.70
N GLU A 13 -3.19 -2.48 -2.84
CA GLU A 13 -1.81 -2.13 -2.41
C GLU A 13 -1.27 -3.23 -1.50
N ALA A 14 -1.96 -3.50 -0.42
CA ALA A 14 -1.50 -4.57 0.51
C ALA A 14 -1.13 -5.79 -0.31
N ALA A 15 -1.88 -6.05 -1.34
CA ALA A 15 -1.57 -7.22 -2.21
C ALA A 15 -0.09 -7.17 -2.56
N ALA A 16 0.42 -5.98 -2.78
CA ALA A 16 1.86 -5.84 -3.11
C ALA A 16 2.65 -5.62 -1.83
N GLN A 17 2.01 -5.12 -0.80
CA GLN A 17 2.73 -4.88 0.49
C GLN A 17 2.63 -6.14 1.36
N ASP A 2 4.30 0.27 2.53
CA ASP A 2 3.50 1.16 1.64
C ASP A 2 4.15 1.24 0.26
N LYS A 3 3.39 1.09 -0.78
CA LYS A 3 3.97 1.16 -2.15
C LYS A 3 3.75 2.56 -2.74
N ASP A 4 2.84 3.31 -2.17
CA ASP A 4 2.60 4.69 -2.69
C ASP A 4 3.37 5.69 -1.85
N GLY A 5 4.01 5.25 -0.81
CA GLY A 5 4.78 6.20 0.05
C GLY A 5 3.86 7.30 0.55
N ASP A 6 2.57 7.04 0.62
CA ASP A 6 1.63 8.08 1.11
C ASP A 6 1.42 7.90 2.61
N GLY A 7 1.68 6.72 3.12
CA GLY A 7 1.51 6.49 4.58
C GLY A 7 0.53 5.35 4.85
N TYR A 8 -0.36 5.07 3.93
CA TYR A 8 -1.33 3.97 4.16
C TYR A 8 -1.26 2.95 3.02
N ILE A 9 -1.69 1.75 3.28
CA ILE A 9 -1.66 0.70 2.22
C ILE A 9 -3.10 0.38 1.80
N SER A 10 -3.42 0.57 0.56
CA SER A 10 -4.81 0.27 0.10
C SER A 10 -5.00 -1.23 -0.06
N ALA A 11 -6.20 -1.67 -0.29
CA ALA A 11 -6.46 -3.13 -0.47
C ALA A 11 -5.51 -3.68 -1.53
N ALA A 12 -5.77 -3.38 -2.78
CA ALA A 12 -4.88 -3.89 -3.86
C ALA A 12 -3.43 -3.54 -3.51
N GLU A 13 -3.23 -2.55 -2.68
CA GLU A 13 -1.86 -2.16 -2.29
C GLU A 13 -1.29 -3.20 -1.33
N ALA A 14 -1.94 -3.38 -0.22
CA ALA A 14 -1.46 -4.40 0.76
C ALA A 14 -1.17 -5.69 0.01
N ALA A 15 -2.00 -6.02 -0.93
CA ALA A 15 -1.77 -7.26 -1.72
C ALA A 15 -0.33 -7.22 -2.22
N ALA A 16 0.15 -6.06 -2.54
CA ALA A 16 1.56 -5.93 -3.02
C ALA A 16 2.47 -5.66 -1.82
N GLN A 17 1.95 -5.05 -0.79
CA GLN A 17 2.79 -4.76 0.40
C GLN A 17 2.78 -5.97 1.33
N ASP A 2 4.30 0.19 2.32
CA ASP A 2 3.55 1.14 1.44
C ASP A 2 4.18 1.15 0.05
N LYS A 3 3.39 1.02 -0.98
CA LYS A 3 3.96 1.02 -2.36
C LYS A 3 3.83 2.41 -2.98
N ASP A 4 2.88 3.19 -2.54
CA ASP A 4 2.70 4.55 -3.13
C ASP A 4 3.45 5.57 -2.26
N GLY A 5 3.90 5.17 -1.11
CA GLY A 5 4.63 6.13 -0.23
C GLY A 5 3.72 7.30 0.12
N ASP A 6 2.45 7.03 0.34
CA ASP A 6 1.50 8.13 0.67
C ASP A 6 1.32 8.19 2.19
N GLY A 7 1.06 7.06 2.81
CA GLY A 7 0.86 7.06 4.29
C GLY A 7 0.16 5.77 4.72
N TYR A 8 -0.57 5.15 3.82
CA TYR A 8 -1.28 3.89 4.19
C TYR A 8 -1.22 2.90 3.02
N ILE A 9 -1.62 1.68 3.27
CA ILE A 9 -1.59 0.65 2.18
C ILE A 9 -3.04 0.33 1.77
N SER A 10 -3.37 0.51 0.52
CA SER A 10 -4.76 0.22 0.07
C SER A 10 -4.95 -1.29 -0.13
N ALA A 11 -6.13 -1.71 -0.49
CA ALA A 11 -6.36 -3.18 -0.69
C ALA A 11 -5.39 -3.70 -1.76
N ALA A 12 -5.64 -3.39 -3.00
CA ALA A 12 -4.72 -3.87 -4.08
C ALA A 12 -3.29 -3.53 -3.68
N GLU A 13 -3.13 -2.54 -2.83
CA GLU A 13 -1.76 -2.16 -2.38
C GLU A 13 -1.23 -3.21 -1.41
N ALA A 14 -1.92 -3.42 -0.33
CA ALA A 14 -1.47 -4.44 0.66
C ALA A 14 -1.17 -5.73 -0.09
N ALA A 15 -2.01 -6.08 -1.02
CA ALA A 15 -1.78 -7.33 -1.79
C ALA A 15 -0.33 -7.32 -2.26
N ALA A 16 0.18 -6.15 -2.57
CA ALA A 16 1.58 -6.04 -3.03
C ALA A 16 2.49 -5.76 -1.82
N GLN A 17 1.98 -5.11 -0.82
CA GLN A 17 2.81 -4.80 0.37
C GLN A 17 2.80 -6.00 1.33
N ASP A 2 4.21 0.26 2.48
CA ASP A 2 3.48 1.19 1.58
C ASP A 2 4.13 1.17 0.20
N LYS A 3 3.34 1.07 -0.84
CA LYS A 3 3.92 1.05 -2.21
C LYS A 3 3.77 2.43 -2.87
N ASP A 4 2.89 3.25 -2.36
CA ASP A 4 2.71 4.60 -2.96
C ASP A 4 3.58 5.62 -2.21
N GLY A 5 3.84 5.37 -0.96
CA GLY A 5 4.68 6.32 -0.17
C GLY A 5 3.79 7.37 0.49
N ASP A 6 2.57 7.02 0.80
CA ASP A 6 1.66 8.01 1.46
C ASP A 6 1.53 7.66 2.95
N GLY A 7 1.94 6.49 3.33
CA GLY A 7 1.84 6.09 4.77
C GLY A 7 0.74 5.06 4.97
N TYR A 8 -0.17 4.94 4.03
CA TYR A 8 -1.27 3.94 4.18
C TYR A 8 -1.24 2.93 3.03
N ILE A 9 -1.68 1.73 3.28
CA ILE A 9 -1.68 0.69 2.22
C ILE A 9 -3.12 0.39 1.82
N SER A 10 -3.45 0.53 0.56
CA SER A 10 -4.85 0.24 0.11
C SER A 10 -5.04 -1.26 -0.07
N ALA A 11 -6.26 -1.71 -0.13
CA ALA A 11 -6.52 -3.16 -0.30
C ALA A 11 -5.61 -3.71 -1.40
N ALA A 12 -5.88 -3.38 -2.64
CA ALA A 12 -5.03 -3.88 -3.74
C ALA A 12 -3.57 -3.55 -3.44
N GLU A 13 -3.34 -2.55 -2.64
CA GLU A 13 -1.95 -2.15 -2.29
C GLU A 13 -1.37 -3.20 -1.33
N ALA A 14 -2.01 -3.41 -0.22
CA ALA A 14 -1.50 -4.42 0.74
C ALA A 14 -1.21 -5.70 -0.02
N ALA A 15 -2.08 -6.06 -0.93
CA ALA A 15 -1.84 -7.29 -1.72
C ALA A 15 -0.41 -7.23 -2.26
N ALA A 16 0.06 -6.04 -2.55
CA ALA A 16 1.44 -5.88 -3.05
C ALA A 16 2.38 -5.63 -1.86
N GLN A 17 1.85 -5.11 -0.79
CA GLN A 17 2.70 -4.84 0.41
C GLN A 17 2.64 -6.04 1.35
N ASP A 2 4.36 0.30 2.30
CA ASP A 2 3.54 1.21 1.45
C ASP A 2 4.05 1.19 0.01
N LYS A 3 3.19 0.91 -0.93
CA LYS A 3 3.62 0.86 -2.35
C LYS A 3 3.68 2.29 -2.92
N ASP A 4 2.81 3.16 -2.45
CA ASP A 4 2.81 4.55 -2.96
C ASP A 4 3.64 5.44 -2.04
N GLY A 5 4.05 4.93 -0.91
CA GLY A 5 4.86 5.75 0.03
C GLY A 5 4.06 6.99 0.44
N ASP A 6 2.78 6.85 0.60
CA ASP A 6 1.94 8.02 1.00
C ASP A 6 1.71 7.99 2.52
N GLY A 7 1.54 6.83 3.08
CA GLY A 7 1.32 6.75 4.55
C GLY A 7 0.48 5.51 4.89
N TYR A 8 -0.35 5.07 3.99
CA TYR A 8 -1.19 3.87 4.28
C TYR A 8 -1.18 2.91 3.08
N ILE A 9 -1.60 1.69 3.30
CA ILE A 9 -1.60 0.70 2.19
C ILE A 9 -3.05 0.40 1.78
N SER A 10 -3.36 0.52 0.51
CA SER A 10 -4.75 0.24 0.05
C SER A 10 -4.94 -1.26 -0.17
N ALA A 11 -6.15 -1.70 -0.34
CA ALA A 11 -6.40 -3.16 -0.57
C ALA A 11 -5.49 -3.65 -1.70
N ALA A 12 -5.74 -3.22 -2.90
CA ALA A 12 -4.88 -3.66 -4.03
C ALA A 12 -3.42 -3.38 -3.69
N GLU A 13 -3.20 -2.48 -2.77
CA GLU A 13 -1.80 -2.15 -2.37
C GLU A 13 -1.26 -3.24 -1.45
N ALA A 14 -1.89 -3.43 -0.33
CA ALA A 14 -1.45 -4.48 0.63
C ALA A 14 -1.17 -5.76 -0.14
N ALA A 15 -1.96 -6.04 -1.12
CA ALA A 15 -1.74 -7.27 -1.92
C ALA A 15 -0.25 -7.33 -2.28
N ALA A 16 0.32 -6.20 -2.57
CA ALA A 16 1.77 -6.15 -2.91
C ALA A 16 2.58 -5.87 -1.65
N GLN A 17 1.99 -5.22 -0.68
CA GLN A 17 2.73 -4.91 0.57
C GLN A 17 2.54 -6.05 1.57
N ASP A 2 4.22 0.27 2.53
CA ASP A 2 3.48 1.15 1.58
C ASP A 2 4.05 0.98 0.17
N LYS A 3 3.20 0.94 -0.82
CA LYS A 3 3.69 0.77 -2.22
C LYS A 3 4.48 2.02 -2.64
N ASP A 4 4.16 3.16 -2.10
CA ASP A 4 4.89 4.40 -2.49
C ASP A 4 5.63 4.95 -1.26
N GLY A 5 4.93 5.19 -0.19
CA GLY A 5 5.59 5.73 1.02
C GLY A 5 4.72 6.83 1.63
N ASP A 6 3.45 6.59 1.74
CA ASP A 6 2.55 7.63 2.33
C ASP A 6 2.13 7.20 3.73
N GLY A 7 2.41 5.98 4.10
CA GLY A 7 2.03 5.50 5.46
C GLY A 7 0.66 4.83 5.42
N TYR A 8 0.11 4.65 4.25
CA TYR A 8 -1.23 4.00 4.16
C TYR A 8 -1.21 2.95 3.05
N ILE A 9 -1.65 1.76 3.35
CA ILE A 9 -1.67 0.68 2.32
C ILE A 9 -3.12 0.42 1.90
N SER A 10 -3.41 0.49 0.63
CA SER A 10 -4.80 0.25 0.16
C SER A 10 -5.02 -1.26 -0.01
N ALA A 11 -6.17 -1.64 -0.51
CA ALA A 11 -6.44 -3.10 -0.70
C ALA A 11 -5.44 -3.68 -1.70
N ALA A 12 -5.63 -3.40 -2.96
CA ALA A 12 -4.68 -3.93 -3.99
C ALA A 12 -3.26 -3.59 -3.55
N GLU A 13 -3.11 -2.58 -2.74
CA GLU A 13 -1.76 -2.19 -2.26
C GLU A 13 -1.29 -3.23 -1.25
N ALA A 14 -2.01 -3.39 -0.18
CA ALA A 14 -1.63 -4.40 0.84
C ALA A 14 -1.31 -5.70 0.11
N ALA A 15 -2.09 -6.03 -0.87
CA ALA A 15 -1.83 -7.28 -1.63
C ALA A 15 -0.37 -7.29 -2.03
N ALA A 16 0.18 -6.12 -2.30
CA ALA A 16 1.61 -6.04 -2.69
C ALA A 16 2.46 -5.81 -1.43
N GLN A 17 1.88 -5.20 -0.43
CA GLN A 17 2.65 -4.94 0.83
C GLN A 17 2.51 -6.14 1.76
N ASP A 2 4.09 0.29 2.68
CA ASP A 2 3.44 1.16 1.68
C ASP A 2 4.12 0.97 0.33
N LYS A 3 3.35 0.80 -0.72
CA LYS A 3 3.96 0.59 -2.07
C LYS A 3 4.61 1.88 -2.55
N ASP A 4 3.91 2.98 -2.47
CA ASP A 4 4.50 4.27 -2.93
C ASP A 4 4.95 5.10 -1.73
N GLY A 5 4.68 4.64 -0.54
CA GLY A 5 5.11 5.40 0.67
C GLY A 5 4.30 6.69 0.74
N ASP A 6 3.00 6.60 0.65
CA ASP A 6 2.16 7.83 0.71
C ASP A 6 1.61 8.01 2.13
N GLY A 7 1.38 6.94 2.84
CA GLY A 7 0.85 7.07 4.23
C GLY A 7 0.21 5.76 4.68
N TYR A 8 -0.56 5.13 3.83
CA TYR A 8 -1.21 3.85 4.23
C TYR A 8 -1.23 2.88 3.04
N ILE A 9 -1.68 1.68 3.27
CA ILE A 9 -1.75 0.67 2.17
C ILE A 9 -3.20 0.44 1.78
N SER A 10 -3.50 0.50 0.50
CA SER A 10 -4.90 0.28 0.05
C SER A 10 -5.15 -1.21 -0.17
N ALA A 11 -6.31 -1.56 -0.65
CA ALA A 11 -6.61 -3.01 -0.89
C ALA A 11 -5.67 -3.54 -1.96
N ALA A 12 -5.87 -3.15 -3.19
CA ALA A 12 -4.98 -3.63 -4.28
C ALA A 12 -3.53 -3.32 -3.91
N GLU A 13 -3.33 -2.40 -3.02
CA GLU A 13 -1.95 -2.04 -2.59
C GLU A 13 -1.41 -3.13 -1.67
N ALA A 14 -2.06 -3.34 -0.56
CA ALA A 14 -1.60 -4.38 0.39
C ALA A 14 -1.25 -5.62 -0.40
N ALA A 15 -1.99 -5.88 -1.44
CA ALA A 15 -1.71 -7.07 -2.29
C ALA A 15 -0.22 -7.05 -2.66
N ALA A 16 0.29 -5.89 -2.93
CA ALA A 16 1.74 -5.77 -3.29
C ALA A 16 2.54 -5.51 -2.01
N GLN A 17 1.88 -5.10 -0.96
CA GLN A 17 2.61 -4.82 0.32
C GLN A 17 2.55 -6.08 1.20
N ASP A 2 4.13 0.33 2.77
CA ASP A 2 3.45 1.19 1.75
C ASP A 2 4.12 1.01 0.39
N LYS A 3 3.35 1.03 -0.66
CA LYS A 3 3.93 0.85 -2.02
C LYS A 3 4.64 2.14 -2.44
N ASP A 4 4.10 3.28 -2.10
CA ASP A 4 4.75 4.56 -2.47
C ASP A 4 5.45 5.16 -1.26
N GLY A 5 4.70 5.51 -0.24
CA GLY A 5 5.32 6.11 0.97
C GLY A 5 4.40 7.17 1.56
N ASP A 6 3.13 6.90 1.62
CA ASP A 6 2.18 7.90 2.20
C ASP A 6 1.85 7.51 3.64
N GLY A 7 2.08 6.27 4.00
CA GLY A 7 1.77 5.84 5.40
C GLY A 7 0.49 5.00 5.40
N TYR A 8 -0.07 4.75 4.25
CA TYR A 8 -1.34 3.95 4.21
C TYR A 8 -1.27 2.94 3.05
N ILE A 9 -1.72 1.74 3.29
CA ILE A 9 -1.70 0.71 2.21
C ILE A 9 -3.14 0.38 1.80
N SER A 10 -3.46 0.51 0.55
CA SER A 10 -4.85 0.22 0.10
C SER A 10 -5.02 -1.30 -0.11
N ALA A 11 -6.23 -1.78 -0.10
CA ALA A 11 -6.44 -3.24 -0.30
C ALA A 11 -5.58 -3.73 -1.46
N ALA A 12 -5.91 -3.35 -2.67
CA ALA A 12 -5.10 -3.79 -3.84
C ALA A 12 -3.63 -3.47 -3.57
N GLU A 13 -3.40 -2.47 -2.76
CA GLU A 13 -1.98 -2.08 -2.45
C GLU A 13 -1.37 -3.15 -1.54
N ALA A 14 -2.01 -3.43 -0.43
CA ALA A 14 -1.49 -4.46 0.51
C ALA A 14 -1.06 -5.68 -0.30
N ALA A 15 -1.79 -5.99 -1.33
CA ALA A 15 -1.42 -7.16 -2.18
C ALA A 15 0.08 -7.09 -2.46
N ALA A 16 0.57 -5.90 -2.68
CA ALA A 16 2.02 -5.73 -2.95
C ALA A 16 2.75 -5.45 -1.63
N GLN A 17 2.03 -5.00 -0.64
CA GLN A 17 2.67 -4.70 0.67
C GLN A 17 2.61 -5.94 1.57
N ASP A 2 4.28 0.33 2.52
CA ASP A 2 3.53 1.23 1.59
C ASP A 2 4.18 1.18 0.20
N LYS A 3 3.39 1.12 -0.83
CA LYS A 3 3.96 1.05 -2.21
C LYS A 3 4.52 2.41 -2.61
N ASP A 4 3.83 3.47 -2.29
CA ASP A 4 4.34 4.82 -2.66
C ASP A 4 5.11 5.43 -1.49
N GLY A 5 4.59 5.30 -0.30
CA GLY A 5 5.30 5.87 0.88
C GLY A 5 4.45 6.98 1.48
N ASP A 6 3.15 6.83 1.46
CA ASP A 6 2.27 7.89 2.03
C ASP A 6 1.94 7.54 3.49
N GLY A 7 2.08 6.30 3.86
CA GLY A 7 1.79 5.90 5.27
C GLY A 7 0.53 5.02 5.31
N TYR A 8 -0.12 4.85 4.19
CA TYR A 8 -1.35 4.00 4.18
C TYR A 8 -1.26 2.98 3.04
N ILE A 9 -1.68 1.77 3.29
CA ILE A 9 -1.65 0.72 2.23
C ILE A 9 -3.10 0.41 1.81
N SER A 10 -3.40 0.54 0.55
CA SER A 10 -4.80 0.26 0.10
C SER A 10 -5.00 -1.24 -0.08
N ALA A 11 -6.21 -1.67 -0.32
CA ALA A 11 -6.48 -3.12 -0.51
C ALA A 11 -5.58 -3.66 -1.61
N ALA A 12 -5.81 -3.27 -2.83
CA ALA A 12 -4.95 -3.76 -3.95
C ALA A 12 -3.49 -3.43 -3.63
N GLU A 13 -3.27 -2.50 -2.73
CA GLU A 13 -1.88 -2.13 -2.35
C GLU A 13 -1.32 -3.18 -1.40
N ALA A 14 -1.98 -3.40 -0.30
CA ALA A 14 -1.50 -4.41 0.68
C ALA A 14 -1.12 -5.68 -0.08
N ALA A 15 -1.87 -6.01 -1.08
CA ALA A 15 -1.55 -7.22 -1.88
C ALA A 15 -0.07 -7.17 -2.25
N ALA A 16 0.42 -5.99 -2.53
CA ALA A 16 1.86 -5.85 -2.90
C ALA A 16 2.67 -5.56 -1.65
N GLN A 17 2.09 -4.89 -0.69
CA GLN A 17 2.84 -4.56 0.56
C GLN A 17 2.88 -5.80 1.46
N ASP A 2 4.33 0.27 2.52
CA ASP A 2 3.48 1.13 1.65
C ASP A 2 4.15 1.27 0.28
N LYS A 3 3.37 1.22 -0.78
CA LYS A 3 3.97 1.35 -2.13
C LYS A 3 3.68 2.74 -2.69
N ASP A 4 2.87 3.50 -2.02
CA ASP A 4 2.56 4.88 -2.54
C ASP A 4 3.48 5.90 -1.86
N GLY A 5 4.20 5.49 -0.86
CA GLY A 5 5.12 6.45 -0.17
C GLY A 5 4.29 7.41 0.70
N ASP A 6 3.16 6.96 1.16
CA ASP A 6 2.31 7.84 2.02
C ASP A 6 2.23 7.26 3.43
N GLY A 7 2.33 5.96 3.55
CA GLY A 7 2.26 5.33 4.89
C GLY A 7 1.04 4.42 4.98
N TYR A 8 0.01 4.71 4.22
CA TYR A 8 -1.21 3.87 4.26
C TYR A 8 -1.19 2.88 3.08
N ILE A 9 -1.60 1.67 3.32
CA ILE A 9 -1.62 0.65 2.24
C ILE A 9 -3.09 0.38 1.86
N SER A 10 -3.43 0.53 0.61
CA SER A 10 -4.84 0.28 0.20
C SER A 10 -5.07 -1.23 0.06
N ALA A 11 -6.29 -1.64 -0.16
CA ALA A 11 -6.57 -3.09 -0.30
C ALA A 11 -5.68 -3.67 -1.42
N ALA A 12 -5.91 -3.28 -2.63
CA ALA A 12 -5.08 -3.79 -3.75
C ALA A 12 -3.61 -3.45 -3.48
N GLU A 13 -3.36 -2.51 -2.60
CA GLU A 13 -1.96 -2.13 -2.29
C GLU A 13 -1.34 -3.18 -1.37
N ALA A 14 -1.94 -3.41 -0.23
CA ALA A 14 -1.39 -4.42 0.71
C ALA A 14 -1.08 -5.69 -0.07
N ALA A 15 -1.92 -6.04 -0.99
CA ALA A 15 -1.67 -7.25 -1.80
C ALA A 15 -0.23 -7.17 -2.32
N ALA A 16 0.23 -5.98 -2.59
CA ALA A 16 1.62 -5.80 -3.08
C ALA A 16 2.55 -5.56 -1.89
N GLN A 17 2.01 -5.03 -0.82
CA GLN A 17 2.86 -4.75 0.38
C GLN A 17 2.83 -5.98 1.31
#